data_6E5G
#
_entry.id   6E5G
#
_cell.length_a   123.757
_cell.length_b   61.226
_cell.length_c   79.839
_cell.angle_alpha   90.00
_cell.angle_beta   116.89
_cell.angle_gamma   90.00
#
_symmetry.space_group_name_H-M   'C 1 2 1'
#
loop_
_entity.id
_entity.type
_entity.pdbx_description
1 polymer 'Transcriptional enhancer factor TEF-4'
2 non-polymer 1-(2-{[3-(trifluoromethyl)phenyl]amino}phenyl)ethan-1-one
3 water water
#
_entity_poly.entity_id   1
_entity_poly.type   'polypeptide(L)'
_entity_poly.pdbx_seq_one_letter_code
;GSHMAWQARGLGTARLQLVEFSAFVEPPDAVDSYQRHLFVHISQHCPSPGAPPLESVDVRQIYDKFPEKKGGLRELYDRG
PPHAFFLVKFWADLNWGPSGEEAGAGGSISSGGFYGVSSQYESLEHMTLTCSSKVCSFGKQVVEKVETERAQLEDGRFVY
RLLRSPMCEYLVNFLHKLRQLPERYMMNSVLENFTILQVVTNRDTQELLLCTAYVFEVSTSERGAQHHIYRLVRD
;
_entity_poly.pdbx_strand_id   B,A
#
# COMPACT_ATOMS: atom_id res chain seq x y z
N TRP A 6 10.30 30.50 10.87
CA TRP A 6 10.54 29.23 10.17
C TRP A 6 9.38 28.25 10.34
N GLN A 7 8.29 28.72 10.92
CA GLN A 7 7.08 27.91 11.03
C GLN A 7 6.30 27.97 9.73
N ALA A 8 5.67 26.85 9.38
CA ALA A 8 5.06 26.72 8.05
C ALA A 8 3.73 27.47 7.98
N ARG A 9 3.49 28.08 6.82
CA ARG A 9 2.20 28.70 6.50
C ARG A 9 1.26 27.77 5.76
N GLY A 10 1.79 26.80 5.02
CA GLY A 10 0.93 25.83 4.36
C GLY A 10 1.26 24.41 4.79
N LEU A 11 0.69 23.43 4.10
CA LEU A 11 0.95 22.03 4.39
C LEU A 11 2.16 21.62 3.54
N GLY A 12 3.34 21.70 4.13
CA GLY A 12 4.54 21.31 3.44
C GLY A 12 5.77 21.85 4.13
N THR A 13 6.92 21.41 3.65
CA THR A 13 8.21 21.90 4.10
C THR A 13 8.90 22.62 2.94
N ALA A 14 10.07 23.17 3.22
CA ALA A 14 10.88 23.74 2.15
C ALA A 14 11.34 22.70 1.15
N ARG A 15 11.18 21.42 1.48
CA ARG A 15 11.66 20.32 0.66
C ARG A 15 10.56 19.62 -0.12
N LEU A 16 9.31 19.73 0.33
CA LEU A 16 8.18 19.13 -0.37
C LEU A 16 6.90 19.82 0.10
N GLN A 17 6.12 20.32 -0.85
CA GLN A 17 4.89 21.04 -0.56
C GLN A 17 3.71 20.34 -1.21
N LEU A 18 2.56 20.44 -0.56
CA LEU A 18 1.31 19.93 -1.12
C LEU A 18 0.66 21.05 -1.92
N VAL A 19 0.29 20.74 -3.16
CA VAL A 19 -0.33 21.71 -4.05
C VAL A 19 -1.84 21.55 -4.07
N GLU A 20 -2.32 20.32 -4.18
CA GLU A 20 -3.75 20.07 -4.18
C GLU A 20 -4.00 18.64 -3.72
N PHE A 21 -5.09 18.45 -2.99
CA PHE A 21 -5.51 17.13 -2.52
C PHE A 21 -7.03 17.10 -2.50
N SER A 22 -7.61 16.00 -2.97
CA SER A 22 -9.06 15.90 -3.02
C SER A 22 -9.48 14.44 -3.06
N ALA A 23 -10.59 14.16 -2.39
CA ALA A 23 -11.29 12.89 -2.50
C ALA A 23 -12.67 13.18 -3.06
N PHE A 24 -13.05 12.44 -4.10
CA PHE A 24 -14.21 12.84 -4.88
C PHE A 24 -14.94 11.61 -5.39
N VAL A 25 -16.12 11.86 -5.93
CA VAL A 25 -16.90 10.84 -6.62
C VAL A 25 -17.53 11.47 -7.86
N GLU A 26 -17.48 10.74 -8.97
CA GLU A 26 -18.11 11.17 -10.22
C GLU A 26 -19.28 10.26 -10.51
N PRO A 27 -20.50 10.77 -10.69
CA PRO A 27 -21.65 9.89 -10.91
C PRO A 27 -21.53 9.15 -12.24
N PRO A 28 -22.24 8.02 -12.40
CA PRO A 28 -22.18 7.31 -13.69
C PRO A 28 -22.60 8.18 -14.86
N ASP A 29 -23.49 9.15 -14.63
CA ASP A 29 -23.91 10.06 -15.68
C ASP A 29 -22.91 11.20 -15.90
N ALA A 30 -21.68 11.04 -15.42
CA ALA A 30 -20.63 12.03 -15.67
C ALA A 30 -20.04 11.89 -17.07
N VAL A 31 -20.21 10.73 -17.71
CA VAL A 31 -19.76 10.54 -19.09
C VAL A 31 -20.42 11.56 -20.00
N ASP A 32 -21.66 11.94 -19.71
CA ASP A 32 -22.33 12.97 -20.49
C ASP A 32 -22.06 14.35 -19.88
N SER A 33 -22.94 14.80 -18.99
CA SER A 33 -22.74 16.04 -18.26
C SER A 33 -21.79 15.76 -17.10
N TYR A 34 -20.53 16.17 -17.23
CA TYR A 34 -19.53 15.82 -16.25
C TYR A 34 -19.62 16.71 -15.02
N GLN A 35 -19.54 16.09 -13.85
CA GLN A 35 -19.51 16.78 -12.58
C GLN A 35 -18.76 15.92 -11.58
N ARG A 36 -18.16 16.55 -10.57
CA ARG A 36 -17.51 15.84 -9.49
C ARG A 36 -18.02 16.34 -8.15
N HIS A 37 -18.11 15.44 -7.19
CA HIS A 37 -18.46 15.78 -5.82
C HIS A 37 -17.23 15.59 -4.95
N LEU A 38 -16.88 16.62 -4.19
CA LEU A 38 -15.69 16.60 -3.33
C LEU A 38 -16.11 16.33 -1.90
N PHE A 39 -15.68 15.19 -1.36
CA PHE A 39 -15.85 14.95 0.07
C PHE A 39 -14.91 15.85 0.86
N VAL A 40 -13.65 15.94 0.44
CA VAL A 40 -12.67 16.82 1.05
C VAL A 40 -11.81 17.41 -0.07
N HIS A 41 -11.23 18.57 0.21
CA HIS A 41 -10.49 19.29 -0.82
C HIS A 41 -9.54 20.27 -0.16
N ILE A 42 -8.25 20.15 -0.47
CA ILE A 42 -7.24 21.13 -0.09
C ILE A 42 -6.62 21.67 -1.36
N SER A 43 -6.58 23.01 -1.48
CA SER A 43 -5.95 23.67 -2.61
C SER A 43 -5.07 24.79 -2.10
N GLN A 44 -3.79 24.78 -2.50
CA GLN A 44 -2.83 25.78 -2.05
C GLN A 44 -2.11 26.42 -3.25
N PRO A 52 1.54 34.78 8.52
CA PRO A 52 0.43 34.12 9.21
C PRO A 52 0.67 32.62 9.39
N PRO A 53 1.23 32.22 10.53
CA PRO A 53 1.55 30.80 10.73
C PRO A 53 0.33 29.98 11.14
N LEU A 54 0.37 28.71 10.74
CA LEU A 54 -0.69 27.77 11.07
C LEU A 54 -0.73 27.52 12.57
N GLU A 55 -1.93 27.33 13.10
CA GLU A 55 -2.07 27.03 14.51
C GLU A 55 -1.38 25.70 14.81
N SER A 56 -1.21 25.43 16.11
CA SER A 56 -0.46 24.27 16.57
C SER A 56 -1.34 23.34 17.38
N VAL A 57 -1.07 22.05 17.27
CA VAL A 57 -1.74 21.02 18.05
C VAL A 57 -0.68 20.04 18.55
N ASP A 58 -0.74 19.72 19.83
CA ASP A 58 0.21 18.78 20.41
C ASP A 58 -0.03 17.37 19.87
N VAL A 59 1.06 16.70 19.49
CA VAL A 59 0.92 15.44 18.75
C VAL A 59 0.56 14.28 19.68
N ARG A 60 1.07 14.26 20.91
CA ARG A 60 0.76 13.15 21.80
C ARG A 60 -0.71 13.15 22.23
N GLN A 61 -1.45 14.22 21.98
CA GLN A 61 -2.89 14.22 22.23
C GLN A 61 -3.65 13.39 21.21
N ILE A 62 -3.00 12.92 20.15
CA ILE A 62 -3.68 12.14 19.11
C ILE A 62 -2.90 10.86 18.84
N TYR A 63 -2.12 10.40 19.81
CA TYR A 63 -1.48 9.10 19.67
C TYR A 63 -2.52 7.98 19.69
N ASP A 64 -3.49 8.06 20.59
CA ASP A 64 -4.51 7.01 20.70
C ASP A 64 -5.35 6.90 19.43
N LYS A 65 -5.26 7.87 18.53
CA LYS A 65 -6.08 7.88 17.33
C LYS A 65 -5.34 7.34 16.11
N PHE A 66 -4.14 6.79 16.31
CA PHE A 66 -3.37 6.17 15.24
C PHE A 66 -2.56 5.03 15.84
N PRO A 67 -2.07 4.11 15.01
CA PRO A 67 -1.29 2.99 15.52
C PRO A 67 -0.05 3.45 16.28
N GLU A 68 0.63 2.47 16.87
CA GLU A 68 1.88 2.67 17.59
C GLU A 68 2.98 1.90 16.88
N LYS A 69 4.21 2.01 17.40
CA LYS A 69 5.38 1.45 16.74
C LYS A 69 5.15 -0.02 16.38
N LYS A 70 5.50 -0.45 15.17
CA LYS A 70 6.04 0.39 14.11
C LYS A 70 4.89 1.01 13.33
N GLY A 71 5.16 1.98 12.47
CA GLY A 71 4.10 2.64 11.73
C GLY A 71 3.28 3.63 12.52
N GLY A 72 3.59 3.88 13.79
CA GLY A 72 2.79 4.75 14.61
C GLY A 72 3.28 6.19 14.63
N LEU A 73 2.38 7.08 15.06
CA LEU A 73 2.65 8.51 14.98
C LEU A 73 3.76 8.93 15.93
N ARG A 74 3.83 8.32 17.12
CA ARG A 74 4.85 8.71 18.08
C ARG A 74 6.25 8.32 17.60
N GLU A 75 6.34 7.28 16.77
CA GLU A 75 7.63 6.81 16.31
C GLU A 75 8.16 7.65 15.16
N LEU A 76 7.31 7.93 14.17
CA LEU A 76 7.70 8.81 13.08
C LEU A 76 8.08 10.18 13.60
N TYR A 77 7.36 10.67 14.61
CA TYR A 77 7.70 11.97 15.19
C TYR A 77 8.99 11.88 15.99
N ASP A 78 9.22 10.77 16.67
CA ASP A 78 10.49 10.56 17.36
C ASP A 78 11.65 10.60 16.38
N ARG A 79 11.47 9.98 15.21
CA ARG A 79 12.50 9.98 14.18
C ARG A 79 12.57 11.31 13.43
N GLY A 80 11.49 12.10 13.47
CA GLY A 80 11.50 13.42 12.86
C GLY A 80 11.45 13.37 11.35
N PRO A 81 11.56 14.53 10.69
CA PRO A 81 11.73 15.83 11.35
C PRO A 81 10.40 16.40 11.83
N PRO A 82 10.40 17.12 12.96
CA PRO A 82 9.11 17.58 13.51
C PRO A 82 8.36 18.51 12.57
N HIS A 83 9.05 19.39 11.84
CA HIS A 83 8.37 20.38 11.03
C HIS A 83 7.62 19.78 9.85
N ALA A 84 7.76 18.48 9.61
CA ALA A 84 7.08 17.81 8.50
C ALA A 84 5.75 17.19 8.90
N PHE A 85 5.31 17.40 10.13
CA PHE A 85 4.10 16.75 10.65
C PHE A 85 2.98 17.78 10.74
N PHE A 86 1.84 17.45 10.15
CA PHE A 86 0.68 18.32 10.10
C PHE A 86 -0.58 17.56 10.44
N LEU A 87 -1.55 18.28 11.01
CA LEU A 87 -2.87 17.74 11.31
C LEU A 87 -3.89 18.51 10.49
N VAL A 88 -4.75 17.76 9.80
CA VAL A 88 -5.82 18.34 8.98
C VAL A 88 -7.15 17.84 9.53
N LYS A 89 -8.00 18.76 9.97
CA LYS A 89 -9.37 18.44 10.32
C LYS A 89 -10.26 18.74 9.11
N PHE A 90 -11.06 17.76 8.74
CA PHE A 90 -11.96 17.87 7.59
C PHE A 90 -13.40 17.93 8.06
N TRP A 91 -14.18 18.78 7.41
CA TRP A 91 -15.63 18.76 7.52
C TRP A 91 -16.13 18.24 6.17
N ALA A 92 -16.41 16.95 6.10
CA ALA A 92 -16.67 16.30 4.84
C ALA A 92 -18.09 16.56 4.37
N ASP A 93 -18.27 16.63 3.06
CA ASP A 93 -19.55 16.83 2.41
C ASP A 93 -20.05 15.46 1.98
N LEU A 94 -21.11 14.97 2.64
CA LEU A 94 -21.55 13.58 2.46
C LEU A 94 -22.94 13.47 1.87
N ASN A 95 -23.42 14.49 1.16
CA ASN A 95 -24.71 14.43 0.48
C ASN A 95 -24.44 14.53 -1.03
N TRP A 96 -24.58 13.40 -1.71
CA TRP A 96 -24.37 13.36 -3.16
C TRP A 96 -25.23 12.28 -3.81
N SER A 111 -25.85 5.01 -7.77
CA SER A 111 -24.83 5.16 -6.74
C SER A 111 -23.64 4.24 -7.00
N GLY A 112 -23.33 4.03 -8.28
CA GLY A 112 -22.20 3.21 -8.66
C GLY A 112 -21.15 3.98 -9.45
N GLY A 113 -20.82 5.18 -8.97
CA GLY A 113 -19.85 6.03 -9.65
C GLY A 113 -18.42 5.63 -9.38
N PHE A 114 -17.51 6.56 -9.70
CA PHE A 114 -16.08 6.35 -9.52
C PHE A 114 -15.60 7.19 -8.34
N TYR A 115 -15.08 6.52 -7.32
CA TYR A 115 -14.53 7.15 -6.13
C TYR A 115 -13.01 7.16 -6.24
N GLY A 116 -12.43 8.37 -6.25
CA GLY A 116 -10.99 8.49 -6.44
C GLY A 116 -10.41 9.56 -5.55
N VAL A 117 -9.08 9.49 -5.42
CA VAL A 117 -8.30 10.46 -4.66
C VAL A 117 -7.19 10.99 -5.54
N SER A 118 -6.97 12.31 -5.50
CA SER A 118 -5.94 12.96 -6.28
C SER A 118 -5.06 13.80 -5.37
N SER A 119 -3.75 13.62 -5.48
CA SER A 119 -2.78 14.36 -4.70
C SER A 119 -1.69 14.87 -5.63
N GLN A 120 -1.22 16.09 -5.38
CA GLN A 120 -0.14 16.68 -6.17
C GLN A 120 0.82 17.40 -5.22
N TYR A 121 2.10 17.11 -5.36
CA TYR A 121 3.15 17.68 -4.54
C TYR A 121 4.12 18.46 -5.42
N GLU A 122 5.10 19.10 -4.78
CA GLU A 122 6.06 19.94 -5.48
C GLU A 122 7.33 20.06 -4.63
N SER A 123 8.48 20.13 -5.30
CA SER A 123 9.75 20.30 -4.61
C SER A 123 10.75 20.91 -5.58
N LEU A 124 11.94 21.22 -5.07
CA LEU A 124 13.05 21.68 -5.89
C LEU A 124 14.14 20.64 -6.07
N GLU A 125 14.06 19.51 -5.37
CA GLU A 125 14.92 18.37 -5.61
C GLU A 125 14.17 17.34 -6.44
N HIS A 126 14.92 16.57 -7.22
CA HIS A 126 14.35 15.47 -7.98
C HIS A 126 14.39 14.23 -7.10
N MET A 127 13.21 13.70 -6.75
CA MET A 127 13.10 12.56 -5.88
C MET A 127 12.11 11.57 -6.47
N THR A 128 12.07 10.38 -5.86
CA THR A 128 10.99 9.43 -6.08
C THR A 128 10.25 9.30 -4.76
N LEU A 129 8.95 9.57 -4.78
CA LEU A 129 8.15 9.62 -3.57
C LEU A 129 7.45 8.28 -3.35
N THR A 130 7.42 7.87 -2.08
CA THR A 130 6.57 6.78 -1.62
C THR A 130 5.48 7.40 -0.74
N CYS A 131 4.22 7.18 -1.11
CA CYS A 131 3.07 7.74 -0.40
C CYS A 131 2.31 6.59 0.26
N SER A 132 2.39 6.51 1.57
CA SER A 132 1.67 5.51 2.36
C SER A 132 0.44 6.16 2.96
N SER A 133 -0.73 5.55 2.74
CA SER A 133 -1.99 6.00 3.32
C SER A 133 -2.53 4.91 4.21
N LYS A 134 -2.63 5.19 5.52
CA LYS A 134 -3.11 4.24 6.51
C LYS A 134 -4.49 4.67 6.99
N VAL A 135 -5.52 3.96 6.56
CA VAL A 135 -6.86 4.17 7.10
C VAL A 135 -6.98 3.41 8.41
N CYS A 136 -7.47 4.09 9.45
CA CYS A 136 -7.51 3.53 10.79
C CYS A 136 -8.89 3.64 11.39
N SER A 137 -9.33 2.58 12.07
CA SER A 137 -10.57 2.57 12.84
C SER A 137 -10.23 2.28 14.29
N PHE A 138 -10.57 3.22 15.18
CA PHE A 138 -10.20 3.12 16.58
C PHE A 138 -8.67 2.99 16.72
N GLY A 139 -7.94 3.76 15.93
CA GLY A 139 -6.50 3.76 15.97
C GLY A 139 -5.83 2.53 15.42
N LYS A 140 -6.59 1.60 14.82
CA LYS A 140 -6.06 0.35 14.31
C LYS A 140 -6.10 0.38 12.79
N GLN A 141 -4.97 0.03 12.18
CA GLN A 141 -4.88 0.02 10.72
C GLN A 141 -5.88 -0.98 10.13
N VAL A 142 -6.69 -0.51 9.19
CA VAL A 142 -7.67 -1.36 8.52
C VAL A 142 -7.37 -1.52 7.03
N VAL A 143 -6.84 -0.47 6.40
CA VAL A 143 -6.42 -0.51 5.00
C VAL A 143 -5.17 0.35 4.89
N GLU A 144 -4.22 -0.12 4.09
CA GLU A 144 -3.05 0.65 3.74
C GLU A 144 -2.87 0.63 2.24
N LYS A 145 -2.49 1.77 1.68
CA LYS A 145 -2.14 1.87 0.26
C LYS A 145 -0.80 2.56 0.17
N VAL A 146 0.13 1.96 -0.59
CA VAL A 146 1.45 2.51 -0.80
C VAL A 146 1.62 2.70 -2.29
N GLU A 147 1.95 3.93 -2.70
CA GLU A 147 2.14 4.27 -4.10
C GLU A 147 3.49 4.94 -4.28
N THR A 148 3.98 4.91 -5.53
CA THR A 148 5.25 5.53 -5.87
C THR A 148 5.06 6.44 -7.07
N GLU A 149 5.74 7.59 -7.05
CA GLU A 149 5.67 8.57 -8.12
C GLU A 149 7.00 9.28 -8.22
N ARG A 150 7.59 9.26 -9.41
CA ARG A 150 8.85 9.95 -9.64
C ARG A 150 8.60 11.36 -10.17
N ALA A 151 9.54 12.25 -9.88
CA ALA A 151 9.38 13.65 -10.24
C ALA A 151 9.34 13.84 -11.75
N GLN A 152 8.64 14.89 -12.17
CA GLN A 152 8.63 15.32 -13.57
C GLN A 152 8.84 16.83 -13.58
N LEU A 153 9.90 17.26 -14.24
CA LEU A 153 10.36 18.64 -14.16
C LEU A 153 9.44 19.56 -14.94
N GLU A 154 9.08 20.69 -14.34
CA GLU A 154 8.19 21.66 -14.97
C GLU A 154 8.51 23.05 -14.43
N ASP A 155 8.92 23.95 -15.32
CA ASP A 155 9.19 25.34 -14.96
C ASP A 155 10.20 25.42 -13.81
N GLY A 156 11.26 24.61 -13.90
CA GLY A 156 12.29 24.57 -12.89
C GLY A 156 11.91 23.89 -11.60
N ARG A 157 10.62 23.58 -11.40
CA ARG A 157 10.14 22.92 -10.20
C ARG A 157 9.79 21.47 -10.54
N PHE A 158 10.01 20.59 -9.57
CA PHE A 158 9.67 19.18 -9.73
C PHE A 158 8.26 18.93 -9.21
N VAL A 159 7.43 18.32 -10.03
CA VAL A 159 6.03 18.09 -9.68
C VAL A 159 5.78 16.58 -9.61
N TYR A 160 4.89 16.20 -8.68
CA TYR A 160 4.52 14.82 -8.44
C TYR A 160 3.01 14.71 -8.51
N ARG A 161 2.50 13.89 -9.44
CA ARG A 161 1.07 13.77 -9.69
C ARG A 161 0.64 12.34 -9.40
N LEU A 162 -0.17 12.18 -8.36
CA LEU A 162 -0.83 10.91 -8.04
C LEU A 162 -2.33 11.13 -8.16
N LEU A 163 -2.79 11.34 -9.39
CA LEU A 163 -4.16 11.75 -9.64
C LEU A 163 -5.08 10.57 -9.86
N ARG A 164 -6.33 10.74 -9.43
CA ARG A 164 -7.42 9.81 -9.73
C ARG A 164 -7.06 8.38 -9.29
N SER A 165 -6.34 8.28 -8.18
CA SER A 165 -6.06 6.97 -7.60
C SER A 165 -7.37 6.36 -7.13
N PRO A 166 -7.73 5.16 -7.58
CA PRO A 166 -9.01 4.57 -7.16
C PRO A 166 -9.09 4.37 -5.65
N MET A 167 -10.20 4.79 -5.08
CA MET A 167 -10.46 4.63 -3.65
C MET A 167 -10.67 3.15 -3.30
N CYS A 168 -10.10 2.70 -2.18
CA CYS A 168 -10.33 1.33 -1.70
C CYS A 168 -11.82 1.07 -1.50
N GLU A 169 -12.25 -0.18 -1.70
CA GLU A 169 -13.66 -0.52 -1.55
C GLU A 169 -14.11 -0.31 -0.11
N TYR A 170 -13.21 -0.52 0.85
CA TYR A 170 -13.53 -0.28 2.24
C TYR A 170 -13.97 1.16 2.47
N LEU A 171 -13.22 2.11 1.90
CA LEU A 171 -13.57 3.51 2.08
C LEU A 171 -14.87 3.85 1.36
N VAL A 172 -15.09 3.26 0.19
CA VAL A 172 -16.33 3.51 -0.55
C VAL A 172 -17.53 2.97 0.22
N ASN A 173 -17.39 1.77 0.79
CA ASN A 173 -18.49 1.21 1.57
C ASN A 173 -18.70 1.99 2.86
N PHE A 174 -17.61 2.38 3.52
CA PHE A 174 -17.74 3.21 4.72
C PHE A 174 -18.47 4.50 4.42
N LEU A 175 -18.19 5.11 3.26
CA LEU A 175 -18.89 6.32 2.87
C LEU A 175 -20.37 6.06 2.64
N HIS A 176 -20.70 4.96 1.96
CA HIS A 176 -22.10 4.62 1.72
C HIS A 176 -22.80 4.29 3.04
N LYS A 177 -22.18 3.46 3.88
CA LYS A 177 -22.74 3.19 5.19
C LYS A 177 -22.89 4.48 5.99
N LEU A 178 -21.90 5.36 5.91
CA LEU A 178 -21.90 6.57 6.73
C LEU A 178 -22.85 7.63 6.19
N ARG A 179 -23.22 7.54 4.92
CA ARG A 179 -24.06 8.57 4.31
C ARG A 179 -25.54 8.32 4.60
N GLN A 180 -25.90 7.14 5.11
CA GLN A 180 -27.28 6.77 5.37
C GLN A 180 -27.63 6.82 6.85
N LEU A 181 -26.70 7.22 7.70
CA LEU A 181 -27.00 7.33 9.12
C LEU A 181 -28.10 8.38 9.32
N PRO A 182 -29.04 8.16 10.24
CA PRO A 182 -30.20 9.06 10.33
C PRO A 182 -29.89 10.41 10.96
N GLU A 183 -28.79 10.55 11.71
CA GLU A 183 -28.46 11.81 12.37
C GLU A 183 -27.02 12.16 12.09
N ARG A 184 -26.72 13.45 11.97
CA ARG A 184 -25.34 13.84 11.71
C ARG A 184 -24.47 13.67 12.94
N TYR A 185 -25.06 13.76 14.15
CA TYR A 185 -24.26 13.53 15.34
C TYR A 185 -23.78 12.09 15.41
N MET A 186 -24.57 11.15 14.86
CA MET A 186 -24.11 9.77 14.76
C MET A 186 -22.97 9.65 13.77
N MET A 187 -23.07 10.35 12.64
CA MET A 187 -21.96 10.39 11.70
C MET A 187 -20.69 10.85 12.39
N ASN A 188 -20.78 11.93 13.15
CA ASN A 188 -19.62 12.43 13.87
C ASN A 188 -19.17 11.45 14.95
N SER A 189 -20.11 10.73 15.57
CA SER A 189 -19.72 9.72 16.56
C SER A 189 -18.92 8.61 15.90
N VAL A 190 -19.34 8.15 14.72
CA VAL A 190 -18.58 7.15 13.99
C VAL A 190 -17.25 7.74 13.54
N LEU A 191 -17.26 8.96 12.99
CA LEU A 191 -16.02 9.56 12.51
C LEU A 191 -15.06 9.90 13.64
N GLU A 192 -15.56 9.94 14.88
CA GLU A 192 -14.67 10.14 16.02
C GLU A 192 -13.55 9.11 16.03
N ASN A 193 -13.84 7.90 15.57
CA ASN A 193 -12.89 6.78 15.63
C ASN A 193 -12.37 6.41 14.24
N PHE A 194 -12.48 7.32 13.27
CA PHE A 194 -12.04 7.07 11.90
C PHE A 194 -11.00 8.12 11.56
N THR A 195 -9.78 7.67 11.27
CA THR A 195 -8.68 8.56 10.98
C THR A 195 -7.87 8.01 9.81
N ILE A 196 -7.05 8.89 9.23
CA ILE A 196 -6.17 8.53 8.14
C ILE A 196 -4.80 9.15 8.41
N LEU A 197 -3.76 8.38 8.13
CA LEU A 197 -2.37 8.83 8.31
C LEU A 197 -1.64 8.67 6.98
N GLN A 198 -1.21 9.79 6.41
CA GLN A 198 -0.44 9.80 5.17
C GLN A 198 1.02 10.12 5.48
N VAL A 199 1.91 9.25 5.03
CA VAL A 199 3.35 9.42 5.19
C VAL A 199 3.97 9.44 3.79
N VAL A 200 4.70 10.51 3.50
CA VAL A 200 5.41 10.66 2.22
C VAL A 200 6.90 10.64 2.52
N THR A 201 7.62 9.71 1.90
CA THR A 201 9.05 9.57 2.15
C THR A 201 9.80 9.56 0.82
N ASN A 202 11.07 9.97 0.89
CA ASN A 202 11.98 9.78 -0.23
C ASN A 202 12.25 8.29 -0.39
N ARG A 203 11.73 7.71 -1.47
CA ARG A 203 11.84 6.26 -1.65
C ARG A 203 13.29 5.80 -1.65
N ASP A 204 14.19 6.63 -2.18
CA ASP A 204 15.61 6.26 -2.27
C ASP A 204 16.31 6.39 -0.92
N THR A 205 16.26 7.57 -0.32
CA THR A 205 16.98 7.85 0.93
C THR A 205 16.22 7.40 2.17
N GLN A 206 14.97 6.95 2.03
CA GLN A 206 14.15 6.43 3.12
C GLN A 206 13.83 7.47 4.18
N GLU A 207 14.06 8.76 3.90
CA GLU A 207 13.75 9.80 4.87
C GLU A 207 12.34 10.34 4.70
N LEU A 208 11.72 10.69 5.83
CA LEU A 208 10.35 11.20 5.84
C LEU A 208 10.32 12.65 5.39
N LEU A 209 9.40 12.96 4.48
CA LEU A 209 9.26 14.31 3.95
C LEU A 209 8.01 15.03 4.43
N LEU A 210 6.91 14.29 4.64
CA LEU A 210 5.64 14.91 5.00
C LEU A 210 4.75 13.86 5.62
N CYS A 211 4.30 14.11 6.85
CA CYS A 211 3.38 13.22 7.55
C CYS A 211 2.14 14.03 7.92
N THR A 212 0.98 13.57 7.48
CA THR A 212 -0.27 14.28 7.68
C THR A 212 -1.27 13.37 8.39
N ALA A 213 -1.82 13.88 9.49
CA ALA A 213 -2.88 13.19 10.22
C ALA A 213 -4.21 13.83 9.84
N TYR A 214 -5.20 12.98 9.54
CA TYR A 214 -6.52 13.44 9.12
C TYR A 214 -7.55 13.00 10.14
N VAL A 215 -8.29 13.97 10.70
CA VAL A 215 -9.46 13.71 11.52
C VAL A 215 -10.67 14.30 10.80
N PHE A 216 -11.83 13.72 11.03
CA PHE A 216 -12.99 13.97 10.18
C PHE A 216 -14.22 14.30 11.02
N GLU A 217 -14.99 15.25 10.51
CA GLU A 217 -16.37 15.45 10.89
C GLU A 217 -17.18 15.61 9.62
N VAL A 218 -18.50 15.57 9.76
CA VAL A 218 -19.41 15.76 8.63
C VAL A 218 -19.85 17.21 8.63
N SER A 219 -19.75 17.86 7.48
CA SER A 219 -20.29 19.20 7.33
C SER A 219 -21.80 19.14 7.23
N THR A 220 -22.46 20.24 7.59
CA THR A 220 -23.90 20.31 7.43
C THR A 220 -24.22 20.26 5.94
N SER A 221 -25.37 19.66 5.62
CA SER A 221 -25.69 19.37 4.22
C SER A 221 -25.58 20.60 3.32
N GLU A 222 -25.84 21.79 3.85
CA GLU A 222 -25.83 23.00 3.03
C GLU A 222 -24.41 23.51 2.78
N ARG A 223 -23.53 23.37 3.76
CA ARG A 223 -22.14 23.80 3.60
C ARG A 223 -21.32 22.70 2.93
N GLY A 224 -20.41 23.12 2.05
CA GLY A 224 -19.53 22.20 1.37
C GLY A 224 -18.41 21.72 2.26
N ALA A 225 -17.48 20.99 1.65
CA ALA A 225 -16.30 20.54 2.37
C ALA A 225 -15.50 21.73 2.89
N GLN A 226 -14.81 21.51 4.00
CA GLN A 226 -14.00 22.55 4.62
C GLN A 226 -12.87 21.87 5.36
N HIS A 227 -11.78 22.60 5.59
CA HIS A 227 -10.64 22.02 6.27
C HIS A 227 -9.92 23.09 7.08
N HIS A 228 -9.15 22.64 8.06
CA HIS A 228 -8.31 23.51 8.88
C HIS A 228 -7.01 22.76 9.13
N ILE A 229 -5.90 23.35 8.71
CA ILE A 229 -4.58 22.72 8.77
C ILE A 229 -3.86 23.22 10.01
N TYR A 230 -3.30 22.29 10.78
CA TYR A 230 -2.51 22.60 11.97
C TYR A 230 -1.12 22.01 11.82
N ARG A 231 -0.15 22.60 12.52
CA ARG A 231 1.16 22.01 12.69
C ARG A 231 1.16 21.13 13.94
N LEU A 232 1.77 19.96 13.83
CA LEU A 232 1.91 19.05 14.97
C LEU A 232 3.25 19.33 15.66
N VAL A 233 3.17 19.87 16.89
CA VAL A 233 4.34 20.24 17.67
C VAL A 233 4.41 19.35 18.91
N ARG A 234 5.49 19.51 19.66
CA ARG A 234 5.69 18.75 20.89
C ARG A 234 6.66 19.49 21.82
N GLN B 7 3.99 -25.89 -21.43
CA GLN B 7 3.81 -25.83 -19.99
C GLN B 7 5.05 -25.26 -19.30
N ALA B 8 4.84 -24.43 -18.27
CA ALA B 8 5.93 -23.75 -17.60
C ALA B 8 6.62 -24.69 -16.61
N ARG B 9 7.94 -24.57 -16.52
CA ARG B 9 8.69 -25.32 -15.52
C ARG B 9 8.90 -24.51 -14.25
N GLY B 10 8.92 -23.18 -14.37
CA GLY B 10 9.06 -22.28 -13.24
C GLY B 10 7.91 -21.29 -13.17
N LEU B 11 8.08 -20.25 -12.34
CA LEU B 11 7.05 -19.21 -12.19
C LEU B 11 7.32 -18.14 -13.23
N GLY B 12 6.61 -18.19 -14.35
CA GLY B 12 6.76 -17.20 -15.38
C GLY B 12 6.16 -17.67 -16.69
N THR B 13 6.13 -16.75 -17.64
CA THR B 13 5.66 -16.99 -18.99
C THR B 13 6.81 -16.80 -19.97
N ALA B 14 6.54 -17.07 -21.25
CA ALA B 14 7.50 -16.76 -22.29
C ALA B 14 7.77 -15.27 -22.41
N ARG B 15 6.94 -14.44 -21.78
CA ARG B 15 7.04 -12.99 -21.88
C ARG B 15 7.63 -12.36 -20.63
N LEU B 16 7.53 -13.02 -19.48
CA LEU B 16 8.08 -12.49 -18.23
C LEU B 16 8.28 -13.64 -17.26
N GLN B 17 9.47 -13.71 -16.68
CA GLN B 17 9.84 -14.81 -15.80
C GLN B 17 10.34 -14.23 -14.49
N LEU B 18 10.00 -14.88 -13.39
CA LEU B 18 10.58 -14.57 -12.09
C LEU B 18 11.85 -15.37 -11.92
N VAL B 19 12.95 -14.67 -11.61
CA VAL B 19 14.24 -15.31 -11.42
C VAL B 19 14.56 -15.52 -9.94
N GLU B 20 14.26 -14.54 -9.09
CA GLU B 20 14.51 -14.68 -7.66
C GLU B 20 13.55 -13.79 -6.89
N PHE B 21 13.10 -14.29 -5.75
CA PHE B 21 12.20 -13.57 -4.87
C PHE B 21 12.53 -13.96 -3.43
N SER B 22 12.51 -12.98 -2.54
CA SER B 22 12.84 -13.25 -1.15
C SER B 22 12.25 -12.16 -0.26
N ALA B 23 11.81 -12.57 0.93
CA ALA B 23 11.43 -11.67 2.00
C ALA B 23 12.36 -11.94 3.17
N PHE B 24 12.93 -10.88 3.73
CA PHE B 24 14.07 -11.04 4.63
C PHE B 24 14.05 -9.97 5.70
N VAL B 25 14.89 -10.18 6.71
CA VAL B 25 15.16 -9.19 7.75
C VAL B 25 16.65 -9.20 8.04
N GLU B 26 17.24 -8.02 8.14
CA GLU B 26 18.65 -7.87 8.44
C GLU B 26 18.83 -7.24 9.81
N PRO B 27 19.62 -7.83 10.71
CA PRO B 27 19.75 -7.26 12.06
C PRO B 27 20.37 -5.88 12.01
N PRO B 28 20.16 -5.06 13.04
CA PRO B 28 20.81 -3.73 13.05
C PRO B 28 22.32 -3.80 12.99
N ASP B 29 22.92 -4.86 13.54
CA ASP B 29 24.36 -5.08 13.50
C ASP B 29 24.83 -5.72 12.19
N ALA B 30 24.04 -5.62 11.11
CA ALA B 30 24.47 -6.18 9.84
C ALA B 30 25.54 -5.32 9.16
N VAL B 31 25.66 -4.05 9.54
CA VAL B 31 26.76 -3.24 9.05
C VAL B 31 28.08 -3.85 9.48
N ASP B 32 28.12 -4.50 10.64
CA ASP B 32 29.29 -5.20 11.13
C ASP B 32 29.28 -6.65 10.64
N SER B 33 28.69 -7.55 11.41
CA SER B 33 28.54 -8.93 10.97
C SER B 33 27.37 -8.99 9.99
N TYR B 34 27.69 -8.95 8.70
CA TYR B 34 26.69 -8.83 7.64
C TYR B 34 26.13 -10.19 7.27
N GLN B 35 24.93 -10.49 7.76
CA GLN B 35 24.14 -11.62 7.25
C GLN B 35 22.67 -11.33 7.49
N ARG B 36 21.83 -12.18 6.91
CA ARG B 36 20.41 -11.87 6.77
C ARG B 36 19.60 -13.15 6.92
N HIS B 37 18.38 -13.00 7.41
CA HIS B 37 17.44 -14.10 7.54
C HIS B 37 16.34 -13.98 6.51
N LEU B 38 16.10 -15.06 5.78
CA LEU B 38 15.08 -15.10 4.73
C LEU B 38 13.85 -15.83 5.27
N PHE B 39 12.72 -15.13 5.33
CA PHE B 39 11.47 -15.80 5.67
C PHE B 39 11.03 -16.73 4.55
N VAL B 40 11.13 -16.26 3.30
CA VAL B 40 10.85 -17.07 2.13
C VAL B 40 11.87 -16.70 1.05
N HIS B 41 12.09 -17.62 0.13
CA HIS B 41 13.12 -17.41 -0.87
C HIS B 41 12.84 -18.29 -2.08
N ILE B 42 12.73 -17.68 -3.25
CA ILE B 42 12.64 -18.38 -4.52
C ILE B 42 13.85 -17.97 -5.35
N SER B 43 14.58 -18.95 -5.88
CA SER B 43 15.70 -18.71 -6.77
C SER B 43 15.56 -19.63 -7.97
N GLN B 44 15.57 -19.06 -9.17
CA GLN B 44 15.43 -19.84 -10.39
C GLN B 44 16.51 -19.47 -11.41
N PRO B 52 9.79 -32.47 -15.28
CA PRO B 52 8.98 -32.20 -14.08
C PRO B 52 8.04 -31.00 -14.26
N PRO B 53 6.79 -31.26 -14.64
CA PRO B 53 5.85 -30.16 -14.86
C PRO B 53 5.22 -29.67 -13.55
N LEU B 54 4.85 -28.40 -13.53
CA LEU B 54 4.23 -27.83 -12.34
C LEU B 54 2.87 -28.46 -12.10
N GLU B 55 2.57 -28.72 -10.83
CA GLU B 55 1.28 -29.27 -10.46
C GLU B 55 0.19 -28.25 -10.75
N SER B 56 -1.06 -28.71 -10.70
CA SER B 56 -2.20 -27.88 -11.08
C SER B 56 -3.13 -27.70 -9.90
N VAL B 57 -3.70 -26.50 -9.79
CA VAL B 57 -4.67 -26.18 -8.75
C VAL B 57 -5.82 -25.41 -9.40
N ASP B 58 -7.04 -25.82 -9.12
CA ASP B 58 -8.20 -25.12 -9.66
C ASP B 58 -8.33 -23.76 -8.98
N VAL B 59 -8.58 -22.72 -9.78
CA VAL B 59 -8.52 -21.35 -9.28
C VAL B 59 -9.74 -21.06 -8.42
N ARG B 60 -10.87 -21.74 -8.68
CA ARG B 60 -12.06 -21.51 -7.88
C ARG B 60 -11.86 -21.89 -6.42
N GLN B 61 -10.90 -22.78 -6.15
CA GLN B 61 -10.65 -23.25 -4.80
C GLN B 61 -10.11 -22.14 -3.90
N ILE B 62 -9.63 -21.04 -4.47
CA ILE B 62 -9.02 -19.98 -3.68
C ILE B 62 -9.61 -18.62 -4.03
N TYR B 63 -10.86 -18.61 -4.51
CA TYR B 63 -11.58 -17.34 -4.67
C TYR B 63 -11.89 -16.72 -3.31
N ASP B 64 -12.32 -17.55 -2.35
CA ASP B 64 -12.70 -17.06 -1.03
C ASP B 64 -11.55 -16.42 -0.28
N LYS B 65 -10.30 -16.59 -0.72
CA LYS B 65 -9.15 -16.04 -0.01
C LYS B 65 -8.68 -14.72 -0.59
N PHE B 66 -9.47 -14.09 -1.46
CA PHE B 66 -9.13 -12.79 -2.02
C PHE B 66 -10.43 -12.04 -2.28
N PRO B 67 -10.37 -10.72 -2.47
CA PRO B 67 -11.60 -9.96 -2.73
C PRO B 67 -12.33 -10.52 -3.95
N GLU B 68 -13.52 -9.96 -4.20
CA GLU B 68 -14.36 -10.38 -5.31
C GLU B 68 -14.57 -9.23 -6.27
N LYS B 69 -14.55 -9.55 -7.57
CA LYS B 69 -14.83 -8.58 -8.63
C LYS B 69 -13.85 -7.41 -8.60
N LYS B 70 -12.88 -7.43 -9.51
CA LYS B 70 -11.78 -6.47 -9.52
C LYS B 70 -11.03 -6.46 -8.20
N GLY B 71 -9.72 -6.63 -8.28
CA GLY B 71 -8.90 -6.86 -7.11
C GLY B 71 -9.01 -8.27 -6.58
N GLY B 72 -9.93 -9.06 -7.14
CA GLY B 72 -10.10 -10.45 -6.76
C GLY B 72 -9.48 -11.38 -7.78
N LEU B 73 -9.20 -12.61 -7.35
CA LEU B 73 -8.54 -13.56 -8.22
C LEU B 73 -9.47 -14.03 -9.33
N ARG B 74 -10.78 -14.16 -9.04
CA ARG B 74 -11.70 -14.73 -10.00
C ARG B 74 -11.86 -13.86 -11.25
N GLU B 75 -11.74 -12.55 -11.12
CA GLU B 75 -11.97 -11.71 -12.30
C GLU B 75 -10.75 -11.58 -13.18
N LEU B 76 -9.57 -11.39 -12.59
CA LEU B 76 -8.36 -11.33 -13.41
C LEU B 76 -8.21 -12.60 -14.24
N TYR B 77 -8.62 -13.75 -13.69
CA TYR B 77 -8.55 -14.99 -14.44
C TYR B 77 -9.56 -15.01 -15.58
N ASP B 78 -10.73 -14.39 -15.38
CA ASP B 78 -11.72 -14.31 -16.46
C ASP B 78 -11.14 -13.59 -17.67
N ARG B 79 -10.51 -12.42 -17.45
CA ARG B 79 -9.94 -11.68 -18.57
C ARG B 79 -8.75 -12.41 -19.16
N GLY B 80 -7.97 -13.09 -18.31
CA GLY B 80 -6.84 -13.85 -18.79
C GLY B 80 -5.58 -13.02 -18.89
N PRO B 81 -4.50 -13.59 -19.41
CA PRO B 81 -4.48 -14.97 -19.93
C PRO B 81 -4.27 -16.02 -18.83
N PRO B 82 -4.90 -17.19 -18.97
CA PRO B 82 -4.82 -18.19 -17.89
C PRO B 82 -3.40 -18.65 -17.58
N HIS B 83 -2.53 -18.77 -18.60
CA HIS B 83 -1.20 -19.31 -18.37
C HIS B 83 -0.32 -18.40 -17.54
N ALA B 84 -0.77 -17.18 -17.22
CA ALA B 84 0.00 -16.24 -16.42
C ALA B 84 -0.31 -16.32 -14.93
N PHE B 85 -1.17 -17.23 -14.51
CA PHE B 85 -1.62 -17.31 -13.13
C PHE B 85 -0.97 -18.49 -12.42
N PHE B 86 -0.34 -18.20 -11.28
CA PHE B 86 0.39 -19.19 -10.52
C PHE B 86 0.01 -19.10 -9.04
N LEU B 87 0.12 -20.23 -8.35
CA LEU B 87 -0.07 -20.30 -6.91
C LEU B 87 1.23 -20.76 -6.28
N VAL B 88 1.69 -20.03 -5.26
CA VAL B 88 2.90 -20.37 -4.52
C VAL B 88 2.52 -20.58 -3.05
N LYS B 89 2.73 -21.79 -2.55
CA LYS B 89 2.59 -22.06 -1.13
C LYS B 89 3.98 -21.97 -0.49
N PHE B 90 4.07 -21.17 0.57
CA PHE B 90 5.32 -20.95 1.28
C PHE B 90 5.27 -21.64 2.64
N TRP B 91 6.39 -22.24 3.03
CA TRP B 91 6.62 -22.68 4.40
C TRP B 91 7.72 -21.77 4.95
N ALA B 92 7.31 -20.71 5.64
CA ALA B 92 8.20 -19.63 6.02
C ALA B 92 9.03 -19.98 7.24
N ASP B 93 10.25 -19.41 7.28
CA ASP B 93 11.16 -19.58 8.40
C ASP B 93 11.06 -18.36 9.31
N LEU B 94 10.48 -18.55 10.49
CA LEU B 94 10.15 -17.45 11.39
C LEU B 94 10.92 -17.55 12.71
N ASN B 95 12.08 -18.18 12.70
CA ASN B 95 12.94 -18.28 13.88
C ASN B 95 14.22 -17.49 13.64
N TRP B 96 14.30 -16.30 14.24
CA TRP B 96 15.49 -15.46 14.14
C TRP B 96 15.59 -14.57 15.38
N SER B 111 15.24 -6.61 17.92
CA SER B 111 14.21 -6.92 16.94
C SER B 111 13.80 -5.68 16.15
N GLY B 112 14.78 -4.79 15.94
CA GLY B 112 14.54 -3.57 15.18
C GLY B 112 15.37 -3.50 13.91
N GLY B 113 15.41 -4.60 13.15
CA GLY B 113 16.18 -4.66 11.93
C GLY B 113 15.46 -4.02 10.77
N PHE B 114 15.94 -4.32 9.57
CA PHE B 114 15.35 -3.83 8.33
C PHE B 114 14.62 -4.97 7.65
N TYR B 115 13.30 -4.80 7.47
CA TYR B 115 12.47 -5.79 6.81
C TYR B 115 12.24 -5.35 5.36
N GLY B 116 12.70 -6.18 4.42
CA GLY B 116 12.60 -5.83 3.02
C GLY B 116 12.23 -7.04 2.18
N VAL B 117 11.81 -6.76 0.96
CA VAL B 117 11.47 -7.77 -0.03
C VAL B 117 12.25 -7.45 -1.30
N SER B 118 12.83 -8.48 -1.92
CA SER B 118 13.58 -8.33 -3.15
C SER B 118 13.00 -9.27 -4.19
N SER B 119 12.67 -8.73 -5.36
CA SER B 119 12.14 -9.49 -6.46
C SER B 119 12.88 -9.09 -7.73
N GLN B 120 13.11 -10.07 -8.60
CA GLN B 120 13.80 -9.83 -9.86
C GLN B 120 13.09 -10.58 -10.97
N TYR B 121 12.83 -9.90 -12.07
CA TYR B 121 12.17 -10.49 -13.23
C TYR B 121 13.12 -10.44 -14.43
N GLU B 122 12.65 -11.01 -15.53
CA GLU B 122 13.45 -11.16 -16.74
C GLU B 122 12.52 -11.30 -17.93
N SER B 123 12.94 -10.73 -19.06
CA SER B 123 12.18 -10.85 -20.30
C SER B 123 13.13 -10.60 -21.46
N LEU B 124 12.61 -10.81 -22.68
CA LEU B 124 13.34 -10.52 -23.89
C LEU B 124 12.83 -9.28 -24.61
N GLU B 125 11.68 -8.75 -24.19
CA GLU B 125 11.16 -7.49 -24.67
C GLU B 125 11.43 -6.41 -23.62
N HIS B 126 11.54 -5.17 -24.07
CA HIS B 126 11.75 -4.04 -23.18
C HIS B 126 10.40 -3.50 -22.73
N MET B 127 10.14 -3.59 -21.43
CA MET B 127 8.89 -3.12 -20.85
C MET B 127 9.19 -2.31 -19.61
N THR B 128 8.14 -1.64 -19.12
CA THR B 128 8.12 -1.06 -17.79
C THR B 128 7.06 -1.80 -17.00
N LEU B 129 7.44 -2.38 -15.86
CA LEU B 129 6.55 -3.22 -15.08
C LEU B 129 5.87 -2.44 -13.96
N THR B 130 4.58 -2.71 -13.78
CA THR B 130 3.83 -2.26 -12.61
C THR B 130 3.56 -3.50 -11.76
N CYS B 131 4.05 -3.48 -10.52
CA CYS B 131 3.94 -4.60 -9.61
C CYS B 131 3.00 -4.22 -8.48
N SER B 132 1.81 -4.81 -8.47
CA SER B 132 0.83 -4.59 -7.41
C SER B 132 0.86 -5.77 -6.45
N SER B 133 1.01 -5.48 -5.17
CA SER B 133 0.99 -6.50 -4.11
C SER B 133 -0.18 -6.20 -3.19
N LYS B 134 -1.17 -7.10 -3.16
CA LYS B 134 -2.35 -6.94 -2.33
C LYS B 134 -2.32 -7.96 -1.20
N VAL B 135 -2.02 -7.49 0.00
CA VAL B 135 -2.08 -8.32 1.20
C VAL B 135 -3.51 -8.38 1.69
N CYS B 136 -4.00 -9.58 1.97
CA CYS B 136 -5.38 -9.81 2.36
C CYS B 136 -5.44 -10.58 3.67
N SER B 137 -6.35 -10.17 4.55
CA SER B 137 -6.65 -10.89 5.78
C SER B 137 -8.12 -11.28 5.76
N PHE B 138 -8.38 -12.58 5.86
CA PHE B 138 -9.76 -13.09 5.73
C PHE B 138 -10.40 -12.67 4.42
N GLY B 139 -9.62 -12.73 3.34
CA GLY B 139 -10.13 -12.39 2.02
C GLY B 139 -10.41 -10.93 1.79
N LYS B 140 -9.96 -10.04 2.68
CA LYS B 140 -10.21 -8.62 2.56
C LYS B 140 -8.88 -7.89 2.49
N GLN B 141 -8.77 -6.99 1.52
CA GLN B 141 -7.53 -6.25 1.31
C GLN B 141 -7.21 -5.39 2.53
N VAL B 142 -5.99 -5.52 3.04
CA VAL B 142 -5.54 -4.74 4.19
C VAL B 142 -4.39 -3.84 3.76
N VAL B 143 -3.60 -4.29 2.78
CA VAL B 143 -2.51 -3.50 2.24
C VAL B 143 -2.43 -3.69 0.74
N GLU B 144 -2.20 -2.60 0.02
CA GLU B 144 -1.86 -2.65 -1.40
C GLU B 144 -0.63 -1.80 -1.62
N LYS B 145 0.39 -2.40 -2.21
CA LYS B 145 1.65 -1.72 -2.51
C LYS B 145 1.84 -1.79 -4.01
N VAL B 146 2.10 -0.65 -4.64
CA VAL B 146 2.29 -0.56 -6.08
C VAL B 146 3.65 0.06 -6.34
N GLU B 147 4.48 -0.65 -7.11
CA GLU B 147 5.82 -0.21 -7.46
C GLU B 147 5.99 -0.27 -8.96
N THR B 148 6.97 0.47 -9.44
CA THR B 148 7.29 0.52 -10.86
C THR B 148 8.78 0.24 -11.03
N GLU B 149 9.13 -0.50 -12.08
CA GLU B 149 10.51 -0.82 -12.38
C GLU B 149 10.66 -0.89 -13.89
N ARG B 150 11.59 -0.10 -14.44
CA ARG B 150 11.85 -0.09 -15.86
C ARG B 150 12.95 -1.09 -16.20
N ALA B 151 12.87 -1.64 -17.41
CA ALA B 151 13.84 -2.64 -17.82
C ALA B 151 15.25 -2.07 -17.80
N GLN B 152 16.22 -2.95 -17.55
CA GLN B 152 17.64 -2.63 -17.60
C GLN B 152 18.30 -3.71 -18.46
N LEU B 153 19.01 -3.30 -19.51
CA LEU B 153 19.67 -4.27 -20.37
C LEU B 153 20.87 -4.87 -19.64
N GLU B 154 20.95 -6.21 -19.65
CA GLU B 154 22.04 -6.90 -18.96
C GLU B 154 22.23 -8.28 -19.57
N ASP B 155 23.43 -8.54 -20.09
CA ASP B 155 23.77 -9.86 -20.61
C ASP B 155 22.76 -10.33 -21.65
N GLY B 156 22.38 -9.43 -22.57
CA GLY B 156 21.46 -9.78 -23.62
C GLY B 156 20.02 -10.00 -23.21
N ARG B 157 19.70 -9.87 -21.92
CA ARG B 157 18.33 -9.96 -21.45
C ARG B 157 17.94 -8.65 -20.78
N PHE B 158 16.65 -8.44 -20.61
CA PHE B 158 16.12 -7.34 -19.81
C PHE B 158 15.83 -7.83 -18.40
N VAL B 159 16.37 -7.12 -17.41
CA VAL B 159 16.20 -7.50 -16.02
C VAL B 159 15.43 -6.39 -15.31
N TYR B 160 14.62 -6.79 -14.32
CA TYR B 160 13.84 -5.87 -13.52
C TYR B 160 14.15 -6.17 -12.07
N ARG B 161 14.70 -5.19 -11.36
CA ARG B 161 15.15 -5.36 -9.98
C ARG B 161 14.37 -4.44 -9.07
N LEU B 162 13.56 -5.03 -8.20
CA LEU B 162 12.90 -4.31 -7.11
C LEU B 162 13.46 -4.81 -5.79
N LEU B 163 14.72 -4.48 -5.55
CA LEU B 163 15.45 -5.03 -4.43
C LEU B 163 15.30 -4.14 -3.20
N ARG B 164 15.29 -4.78 -2.03
CA ARG B 164 15.28 -4.08 -0.75
C ARG B 164 14.12 -3.08 -0.67
N SER B 165 12.99 -3.44 -1.24
CA SER B 165 11.78 -2.66 -1.03
C SER B 165 11.37 -2.79 0.43
N PRO B 166 11.23 -1.70 1.18
CA PRO B 166 10.90 -1.83 2.61
C PRO B 166 9.57 -2.54 2.79
N MET B 167 9.56 -3.53 3.68
CA MET B 167 8.35 -4.29 3.96
C MET B 167 7.31 -3.38 4.62
N CYS B 168 6.06 -3.50 4.18
CA CYS B 168 4.97 -2.71 4.73
C CYS B 168 4.92 -2.89 6.24
N GLU B 169 4.52 -1.84 6.95
CA GLU B 169 4.50 -1.86 8.40
C GLU B 169 3.58 -2.98 8.91
N TYR B 170 2.51 -3.24 8.15
CA TYR B 170 1.52 -4.22 8.58
C TYR B 170 2.15 -5.61 8.71
N LEU B 171 2.94 -6.02 7.72
CA LEU B 171 3.58 -7.33 7.79
C LEU B 171 4.66 -7.36 8.86
N VAL B 172 5.36 -6.25 9.07
CA VAL B 172 6.38 -6.21 10.11
C VAL B 172 5.75 -6.42 11.48
N ASN B 173 4.62 -5.75 11.74
CA ASN B 173 3.92 -5.93 13.00
C ASN B 173 3.29 -7.32 13.09
N PHE B 174 2.67 -7.78 11.99
CA PHE B 174 2.10 -9.12 11.97
C PHE B 174 3.17 -10.18 12.18
N LEU B 175 4.35 -10.00 11.59
CA LEU B 175 5.44 -10.95 11.81
C LEU B 175 5.91 -10.94 13.25
N HIS B 176 5.96 -9.76 13.87
CA HIS B 176 6.37 -9.68 15.27
C HIS B 176 5.36 -10.37 16.17
N LYS B 177 4.07 -10.28 15.84
CA LYS B 177 3.04 -10.95 16.63
C LYS B 177 3.06 -12.44 16.38
N LEU B 178 3.24 -12.85 15.12
CA LEU B 178 3.13 -14.26 14.75
C LEU B 178 4.34 -15.07 15.20
N ARG B 179 5.47 -14.41 15.44
CA ARG B 179 6.72 -15.07 15.77
C ARG B 179 6.82 -15.46 17.24
N GLN B 180 5.91 -14.97 18.08
CA GLN B 180 5.94 -15.26 19.51
C GLN B 180 4.91 -16.31 19.93
N LEU B 181 4.12 -16.83 18.99
CA LEU B 181 3.21 -17.91 19.32
C LEU B 181 4.01 -19.15 19.73
N PRO B 182 3.54 -19.89 20.75
CA PRO B 182 4.36 -20.98 21.29
C PRO B 182 4.41 -22.22 20.42
N GLU B 183 3.46 -22.41 19.51
CA GLU B 183 3.40 -23.61 18.69
C GLU B 183 3.23 -23.24 17.23
N ARG B 184 3.85 -24.03 16.34
CA ARG B 184 3.75 -23.76 14.92
C ARG B 184 2.36 -24.09 14.38
N TYR B 185 1.63 -24.97 15.04
CA TYR B 185 0.27 -25.27 14.59
C TYR B 185 -0.65 -24.07 14.83
N MET B 186 -0.37 -23.28 15.86
CA MET B 186 -1.11 -22.02 16.02
C MET B 186 -0.72 -21.02 14.94
N MET B 187 0.58 -20.93 14.64
CA MET B 187 1.02 -20.07 13.54
C MET B 187 0.29 -20.40 12.26
N ASN B 188 0.21 -21.69 11.91
CA ASN B 188 -0.48 -22.06 10.69
C ASN B 188 -1.96 -21.74 10.76
N SER B 189 -2.57 -21.82 11.97
CA SER B 189 -3.98 -21.47 12.10
C SER B 189 -4.20 -19.98 11.79
N VAL B 190 -3.32 -19.12 12.29
CA VAL B 190 -3.43 -17.70 11.99
C VAL B 190 -3.17 -17.46 10.51
N LEU B 191 -2.16 -18.12 9.94
CA LEU B 191 -1.83 -17.94 8.53
C LEU B 191 -2.88 -18.53 7.60
N GLU B 192 -3.79 -19.37 8.11
CA GLU B 192 -4.86 -19.89 7.27
C GLU B 192 -5.63 -18.78 6.56
N ASN B 193 -5.74 -17.61 7.19
CA ASN B 193 -6.56 -16.52 6.67
C ASN B 193 -5.74 -15.35 6.14
N PHE B 194 -4.46 -15.58 5.83
CA PHE B 194 -3.54 -14.54 5.38
C PHE B 194 -3.00 -14.91 4.00
N THR B 195 -3.26 -14.07 3.01
CA THR B 195 -2.82 -14.34 1.64
C THR B 195 -2.31 -13.06 1.01
N ILE B 196 -1.56 -13.23 -0.09
CA ILE B 196 -1.00 -12.11 -0.84
C ILE B 196 -1.24 -12.37 -2.32
N LEU B 197 -1.62 -11.32 -3.04
CA LEU B 197 -1.90 -11.41 -4.46
C LEU B 197 -1.02 -10.41 -5.18
N GLN B 198 -0.11 -10.91 -6.02
CA GLN B 198 0.79 -10.08 -6.81
C GLN B 198 0.35 -10.10 -8.27
N VAL B 199 0.15 -8.93 -8.83
CA VAL B 199 -0.20 -8.77 -10.24
C VAL B 199 0.88 -7.93 -10.89
N VAL B 200 1.48 -8.47 -11.95
CA VAL B 200 2.51 -7.77 -12.72
C VAL B 200 1.92 -7.51 -14.10
N THR B 201 1.92 -6.25 -14.51
CA THR B 201 1.36 -5.86 -15.80
C THR B 201 2.37 -5.04 -16.58
N ASN B 202 2.20 -5.06 -17.90
CA ASN B 202 2.93 -4.13 -18.76
C ASN B 202 2.39 -2.73 -18.49
N ARG B 203 3.22 -1.89 -17.86
CA ARG B 203 2.74 -0.57 -17.43
C ARG B 203 2.20 0.24 -18.59
N ASP B 204 2.78 0.11 -19.78
CA ASP B 204 2.33 0.91 -20.92
C ASP B 204 1.00 0.37 -21.45
N THR B 205 0.97 -0.90 -21.85
CA THR B 205 -0.23 -1.49 -22.44
C THR B 205 -1.21 -2.03 -21.41
N GLN B 206 -0.83 -2.08 -20.13
CA GLN B 206 -1.72 -2.50 -19.05
C GLN B 206 -2.23 -3.93 -19.21
N GLU B 207 -1.56 -4.74 -20.02
CA GLU B 207 -1.93 -6.13 -20.17
C GLU B 207 -1.25 -6.95 -19.08
N LEU B 208 -1.94 -7.97 -18.59
CA LEU B 208 -1.44 -8.73 -17.45
C LEU B 208 -0.33 -9.67 -17.88
N LEU B 209 0.77 -9.65 -17.13
CA LEU B 209 1.93 -10.49 -17.44
C LEU B 209 2.12 -11.63 -16.45
N LEU B 210 1.81 -11.42 -15.18
CA LEU B 210 2.08 -12.43 -14.16
C LEU B 210 1.22 -12.14 -12.95
N CYS B 211 0.39 -13.10 -12.56
CA CYS B 211 -0.46 -12.98 -11.38
C CYS B 211 -0.14 -14.15 -10.45
N THR B 212 0.28 -13.84 -9.23
CA THR B 212 0.72 -14.87 -8.28
C THR B 212 -0.06 -14.76 -6.98
N ALA B 213 -0.63 -15.88 -6.56
CA ALA B 213 -1.30 -15.99 -5.27
C ALA B 213 -0.35 -16.68 -4.30
N TYR B 214 -0.26 -16.14 -3.07
CA TYR B 214 0.63 -16.65 -2.05
C TYR B 214 -0.18 -17.10 -0.84
N VAL B 215 -0.03 -18.36 -0.46
CA VAL B 215 -0.55 -18.89 0.79
C VAL B 215 0.61 -19.33 1.66
N PHE B 216 0.42 -19.32 2.97
CA PHE B 216 1.52 -19.43 3.90
C PHE B 216 1.26 -20.46 4.99
N GLU B 217 2.31 -21.21 5.32
CA GLU B 217 2.44 -21.97 6.55
C GLU B 217 3.83 -21.70 7.10
N VAL B 218 4.09 -22.16 8.31
CA VAL B 218 5.38 -22.01 8.95
C VAL B 218 6.18 -23.29 8.75
N SER B 219 7.43 -23.14 8.31
CA SER B 219 8.32 -24.30 8.22
C SER B 219 8.78 -24.70 9.62
N THR B 220 9.13 -25.96 9.77
CA THR B 220 9.67 -26.42 11.02
C THR B 220 11.01 -25.74 11.28
N SER B 221 11.30 -25.47 12.56
CA SER B 221 12.50 -24.72 12.90
C SER B 221 13.74 -25.38 12.33
N GLU B 222 13.74 -26.72 12.22
CA GLU B 222 14.93 -27.44 11.75
C GLU B 222 15.06 -27.39 10.23
N ARG B 223 13.94 -27.45 9.51
CA ARG B 223 13.96 -27.31 8.06
C ARG B 223 13.94 -25.84 7.68
N GLY B 224 14.65 -25.50 6.62
CA GLY B 224 14.69 -24.13 6.16
C GLY B 224 13.40 -23.75 5.45
N ALA B 225 13.41 -22.55 4.89
CA ALA B 225 12.27 -22.10 4.10
C ALA B 225 12.06 -23.04 2.93
N GLN B 226 10.80 -23.13 2.49
CA GLN B 226 10.44 -23.99 1.36
C GLN B 226 9.23 -23.40 0.67
N HIS B 227 9.08 -23.77 -0.60
CA HIS B 227 7.96 -23.28 -1.40
C HIS B 227 7.59 -24.36 -2.41
N HIS B 228 6.35 -24.27 -2.90
CA HIS B 228 5.85 -25.18 -3.92
C HIS B 228 5.00 -24.36 -4.87
N ILE B 229 5.40 -24.32 -6.14
CA ILE B 229 4.75 -23.49 -7.15
C ILE B 229 3.75 -24.36 -7.90
N TYR B 230 2.53 -23.85 -8.06
CA TYR B 230 1.47 -24.52 -8.77
C TYR B 230 1.00 -23.66 -9.94
N ARG B 231 0.16 -24.24 -10.78
CA ARG B 231 -0.51 -23.53 -11.87
C ARG B 231 -1.98 -23.38 -11.52
N LEU B 232 -2.56 -22.25 -11.92
CA LEU B 232 -3.97 -21.97 -11.66
C LEU B 232 -4.77 -22.24 -12.93
N VAL B 233 -5.59 -23.28 -12.89
CA VAL B 233 -6.41 -23.69 -14.02
C VAL B 233 -7.88 -23.51 -13.64
N ARG B 234 -8.75 -23.74 -14.62
CA ARG B 234 -10.20 -23.66 -14.39
C ARG B 234 -10.96 -24.49 -15.42
#